data_9JS4
#
_entry.id   9JS4
#
_cell.length_a   1.00
_cell.length_b   1.00
_cell.length_c   1.00
_cell.angle_alpha   90.00
_cell.angle_beta   90.00
_cell.angle_gamma   90.00
#
_symmetry.space_group_name_H-M   'P 1'
#
loop_
_entity.id
_entity.type
_entity.pdbx_description
1 polymer 'Light chain of 8G3'
2 polymer 'Heavy chain of 8G3'
3 polymer 'Spike glycoprotein'
#
loop_
_entity_poly.entity_id
_entity_poly.type
_entity_poly.pdbx_seq_one_letter_code
_entity_poly.pdbx_strand_id
1 'polypeptide(L)'
;DIQLTQSPSSLSASVGDRVTITCQASQDISNYLNWYQQKPGKAPKLLIYDASNLETGVPSRFSASGSGTDFTFTISSLQP
EDIATYYCQHYDDLPNLPPTFGGGTKVEIKRTVAAPSVFIFPPSDEQLKSGTASVVCLLNNFYPREAKVQWKVDNALQSG
NSQESVTEQDSKDSTYSLSSTLTLSKADYEKHKVYACEVTHQGLSSPVTKSFNRGEC
;
A
2 'polypeptide(L)'
;QVQLVESGGGLVQPGGSLRLSCAASGLTVSSNYMNWVRQAPGKGLEWVSVIYPGGTTYYADSVKGRFTISRHNSKNTLYL
EMNSLRPEDTAVYYCARPIYGGNAGMDVWGQGTTVTVSSASTKGPSVFPLAPSSKSTSGGTAALGCLVKDYFPEPVTVSW
NSGALTSGVHTFPAVLQSSGLYSLSSVVTVPSSSLGTQTYICNVNHKPSNTKVDKKVEPKSC
;
B
3 'polypeptide(L)'
;VNLTTRTQLPPAYTNSFTRGVYYPDKVFRSSVLHSTQDLFLPFFSNVTWFHVIHVSGTNGTKRFDNPVLPFNDGVYFASI
EKSNIIRGWIFGTTLDSKTQSLLIVNNATNVVIKVCEFQFCNDPFLGVYDHKNNKSWMESEFRVYSSANNCTFEYVSQPF
LMDLEGKQGNFKNLREFVFKNIDGYFKIYSKHTPIIVREPEDLPQGFSALEPLVDLPIGINITRFQTLLALHRSYLTPGD
SSSGWTAGAAAYYVGYLQPRTFLLKYNENGTITDAVDCALDPLSETKCTLKSFTVEKGIYQTSNFRVQPTESIVRFPNIT
NLCPFDEVFNATRFASVYAWNRKRISNCVADYSVLYNLAPFFTFKCYGVSPTKLNDLCFTNVYADSFVIRGDEVRQIAPG
QTGNIADYNYKLPDDFTGCVIAWNSNKLDSKVSGNYNYLYRLFRKSNLKPFERDISTEIYQAGNKPCNGVAGFNCYFPLR
SYSFRPTYGVGHQPYRVVVLSFELLHAPATVCGPKKSTNLVKNKCVNFNFNGLKGTGVLTESNKKFLPFQQFGRDIADTT
DAVRDPQTLEILDITPCSFGGVSVITPGTNTSNQVAVLYQGVNCTEVPVAIHADQLTPTWRVYSTGSNVFQTRAGCLIGA
EYVNNSYECDIPIGAGICASYQTQTKSHGSASSVASQSIIAYTMSLGAENSVAYSNNSIAIPTNFTISVTTEILPVSMTK
TSVDCTMYICGDSTECSNLLLQYGSFCTQLKRALTGIAVEQDKNTQEVFAQVKQIYKTPPIKYFGGFNFSQILPDPSKPS
KRSPIEDLLFNKVTLADAGFIKQYGDCLGDIAARDLICAQKFKGLTVLPPLLTDEMIAQYTSALLAGTITSGWTFGAGPA
LQIPFPMQMAYRFNGIGVTQNVLYENQKLIANQFNSAIGKIQDSLSSTPSALGKLQDVVNHNAQALNTLVKQLSSKFGAI
SSVLNDIFSRLDPPEAEVQIDRLITGRLQSLQTYVTQQLIRAAEIRASANLAATKMSECVLGQSKRVDFCGKGYHLMSFP
QSAPHGVVFLHVTYVPAQEKNFTTAPAICHDGKAHFPREGVFVSNGTHWFVTQRNFYEPQIITTDNTFVSGNCDVVIGIV
NNTVYDPLQPELDSFKEELDKYFKNHTSPDVDLGDISGINASVVNIQKEIDRLNEVAKNLNESLIDLQELGKYEQGYIPE
APRDGQAYVRKDGEWVLLSTFLAHHHHHHHHHH
;
C
#
# COMPACT_ATOMS: atom_id res chain seq x y z
N ASP A 1 16.10 -1.65 4.11
CA ASP A 1 14.72 -1.37 4.50
C ASP A 1 14.58 -1.27 6.02
N ILE A 2 13.34 -1.34 6.50
CA ILE A 2 13.09 -1.29 7.93
C ILE A 2 13.59 -2.59 8.56
N GLN A 3 14.30 -2.46 9.68
CA GLN A 3 14.78 -3.58 10.46
C GLN A 3 14.16 -3.51 11.85
N LEU A 4 13.62 -4.64 12.32
CA LEU A 4 12.89 -4.68 13.57
C LEU A 4 13.64 -5.53 14.59
N THR A 5 13.77 -4.99 15.80
CA THR A 5 14.32 -5.71 16.94
C THR A 5 13.36 -5.59 18.10
N GLN A 6 13.45 -6.53 19.03
CA GLN A 6 12.49 -6.62 20.12
C GLN A 6 13.23 -6.78 21.45
N SER A 7 12.44 -6.74 22.52
CA SER A 7 12.93 -6.96 23.87
C SER A 7 13.41 -8.39 24.02
N PRO A 8 14.11 -8.71 25.11
CA PRO A 8 14.51 -10.11 25.34
C PRO A 8 13.31 -11.04 25.28
N SER A 9 13.43 -12.10 24.47
CA SER A 9 12.30 -12.97 24.20
C SER A 9 11.96 -13.87 25.37
N SER A 10 12.96 -14.45 26.02
CA SER A 10 12.74 -15.45 27.08
C SER A 10 12.34 -14.73 28.37
N LEU A 11 11.05 -14.42 28.48
CA LEU A 11 10.49 -13.79 29.66
C LEU A 11 9.47 -14.72 30.30
N SER A 12 9.68 -15.03 31.58
CA SER A 12 8.73 -15.81 32.37
C SER A 12 8.60 -15.15 33.73
N ALA A 13 7.36 -14.98 34.20
CA ALA A 13 7.11 -14.27 35.44
C ALA A 13 5.83 -14.81 36.08
N SER A 14 5.69 -14.54 37.37
CA SER A 14 4.52 -14.98 38.11
C SER A 14 3.30 -14.15 37.69
N VAL A 15 2.13 -14.62 38.14
CA VAL A 15 0.88 -13.96 37.77
C VAL A 15 0.73 -12.65 38.53
N GLY A 16 0.01 -11.70 37.91
CA GLY A 16 -0.26 -10.42 38.53
C GLY A 16 0.74 -9.32 38.23
N ASP A 17 1.85 -9.64 37.58
CA ASP A 17 2.88 -8.66 37.23
C ASP A 17 2.82 -8.35 35.76
N ARG A 18 2.84 -7.07 35.41
CA ARG A 18 2.80 -6.66 34.02
C ARG A 18 4.05 -7.11 33.28
N VAL A 19 3.86 -7.47 32.01
CA VAL A 19 4.95 -7.87 31.13
C VAL A 19 4.98 -6.91 29.95
N THR A 20 6.16 -6.37 29.65
CA THR A 20 6.33 -5.32 28.66
C THR A 20 7.17 -5.80 27.49
N ILE A 21 6.73 -5.47 26.28
CA ILE A 21 7.44 -5.78 25.05
C ILE A 21 7.58 -4.49 24.24
N THR A 22 8.75 -4.30 23.63
CA THR A 22 9.07 -3.10 22.90
C THR A 22 9.44 -3.45 21.46
N CYS A 23 8.85 -2.73 20.51
CA CYS A 23 9.16 -2.91 19.09
C CYS A 23 9.77 -1.62 18.55
N GLN A 24 10.89 -1.76 17.86
CA GLN A 24 11.68 -0.63 17.39
C GLN A 24 11.71 -0.60 15.86
N ALA A 25 11.82 0.61 15.30
CA ALA A 25 11.80 0.82 13.87
C ALA A 25 13.08 1.49 13.39
N SER A 26 13.38 1.28 12.11
CA SER A 26 14.65 1.73 11.54
C SER A 26 14.51 2.82 10.48
N GLN A 27 13.43 2.82 9.69
CA GLN A 27 13.29 3.77 8.59
C GLN A 27 11.97 4.54 8.71
N ASP A 28 11.69 5.02 9.92
CA ASP A 28 10.64 6.01 10.19
C ASP A 28 9.27 5.53 9.69
N ILE A 29 8.79 4.45 10.30
CA ILE A 29 7.41 4.04 10.06
C ILE A 29 6.46 4.90 10.87
N SER A 30 5.18 4.87 10.51
CA SER A 30 4.16 5.69 11.16
C SER A 30 2.92 4.82 11.39
N ASN A 31 2.75 4.38 12.64
CA ASN A 31 1.56 3.72 13.20
C ASN A 31 1.15 2.47 12.43
N TYR A 32 2.00 2.02 11.49
CA TYR A 32 1.75 0.80 10.73
C TYR A 32 2.18 -0.38 11.60
N LEU A 33 1.32 -0.75 12.55
CA LEU A 33 1.70 -1.70 13.58
C LEU A 33 0.59 -2.70 13.84
N ASN A 34 0.92 -3.99 13.76
CA ASN A 34 0.03 -5.08 14.15
C ASN A 34 0.75 -5.96 15.17
N TRP A 35 -0.04 -6.58 16.04
CA TRP A 35 0.49 -7.51 17.03
C TRP A 35 -0.22 -8.85 16.84
N TYR A 36 0.45 -9.78 16.15
CA TYR A 36 -0.12 -11.08 15.83
C TYR A 36 0.16 -12.04 16.98
N GLN A 37 -0.82 -12.17 17.88
CA GLN A 37 -0.74 -13.18 18.92
C GLN A 37 -0.78 -14.57 18.28
N GLN A 38 0.13 -15.44 18.72
CA GLN A 38 0.29 -16.74 18.10
C GLN A 38 0.39 -17.81 19.18
N LYS A 39 0.00 -19.02 18.83
CA LYS A 39 0.10 -20.17 19.71
C LYS A 39 0.82 -21.30 18.99
N PRO A 40 1.53 -22.15 19.73
CA PRO A 40 2.30 -23.23 19.08
C PRO A 40 1.39 -24.17 18.28
N GLY A 41 1.77 -24.41 17.03
CA GLY A 41 1.07 -25.34 16.18
C GLY A 41 -0.14 -24.78 15.46
N LYS A 42 -0.49 -23.51 15.67
CA LYS A 42 -1.66 -22.91 15.05
C LYS A 42 -1.28 -21.61 14.36
N ALA A 43 -2.10 -21.21 13.39
CA ALA A 43 -1.84 -19.99 12.65
C ALA A 43 -2.12 -18.77 13.54
N PRO A 44 -1.33 -17.70 13.39
CA PRO A 44 -1.55 -16.51 14.21
C PRO A 44 -2.90 -15.86 13.93
N LYS A 45 -3.45 -15.21 14.95
CA LYS A 45 -4.68 -14.45 14.82
C LYS A 45 -4.43 -13.01 15.24
N LEU A 46 -5.02 -12.08 14.47
CA LEU A 46 -4.82 -10.67 14.72
C LEU A 46 -5.37 -10.27 16.09
N LEU A 47 -4.60 -9.47 16.82
CA LEU A 47 -4.99 -8.96 18.12
C LEU A 47 -5.02 -7.45 18.21
N ILE A 48 -4.04 -6.77 17.62
CA ILE A 48 -4.00 -5.32 17.55
C ILE A 48 -3.66 -4.92 16.12
N TYR A 49 -4.55 -4.15 15.48
CA TYR A 49 -4.47 -3.92 14.05
C TYR A 49 -4.02 -2.52 13.65
N ASP A 50 -4.28 -1.50 14.46
CA ASP A 50 -3.85 -0.13 14.14
C ASP A 50 -3.50 0.59 15.45
N ALA A 51 -2.22 0.54 15.82
CA ALA A 51 -1.68 1.30 16.93
C ALA A 51 -2.45 1.10 18.23
N SER A 52 -3.06 2.17 18.73
CA SER A 52 -3.75 2.10 20.02
C SER A 52 -5.05 1.30 19.93
N ASN A 53 -5.73 1.32 18.79
CA ASN A 53 -7.03 0.68 18.69
C ASN A 53 -6.90 -0.84 18.85
N LEU A 54 -7.84 -1.42 19.58
CA LEU A 54 -7.85 -2.86 19.85
C LEU A 54 -8.92 -3.55 19.01
N GLU A 55 -8.68 -4.82 18.71
CA GLU A 55 -9.67 -5.63 18.03
C GLU A 55 -10.81 -5.97 18.97
N THR A 56 -12.04 -5.79 18.50
CA THR A 56 -13.22 -6.07 19.32
C THR A 56 -13.50 -7.57 19.35
N GLY A 57 -13.94 -8.05 20.50
CA GLY A 57 -14.21 -9.46 20.72
C GLY A 57 -13.36 -10.11 21.79
N VAL A 58 -12.43 -9.38 22.41
CA VAL A 58 -11.58 -9.92 23.47
C VAL A 58 -11.71 -9.00 24.68
N PRO A 59 -11.83 -9.54 25.89
CA PRO A 59 -11.90 -8.66 27.07
C PRO A 59 -10.65 -7.80 27.20
N SER A 60 -10.85 -6.57 27.68
CA SER A 60 -9.78 -5.57 27.73
C SER A 60 -8.79 -5.86 28.85
N ARG A 61 -7.94 -6.87 28.65
CA ARG A 61 -6.91 -7.21 29.61
C ARG A 61 -5.51 -6.86 29.13
N PHE A 62 -5.39 -6.21 27.97
CA PHE A 62 -4.09 -5.87 27.38
C PHE A 62 -4.02 -4.36 27.17
N SER A 63 -2.89 -3.76 27.52
CA SER A 63 -2.70 -2.32 27.37
C SER A 63 -1.74 -2.05 26.22
N ALA A 64 -2.25 -1.40 25.17
CA ALA A 64 -1.44 -1.09 24.00
C ALA A 64 -1.88 0.27 23.46
N SER A 65 -0.95 1.22 23.42
CA SER A 65 -1.19 2.53 22.85
C SER A 65 0.16 3.22 22.62
N GLY A 66 0.33 3.80 21.45
CA GLY A 66 1.58 4.45 21.13
C GLY A 66 1.53 5.02 19.73
N SER A 67 2.64 5.67 19.35
CA SER A 67 2.79 6.26 18.03
C SER A 67 4.28 6.56 17.84
N GLY A 68 4.61 7.08 16.68
CA GLY A 68 6.01 7.40 16.36
C GLY A 68 6.69 6.23 15.68
N THR A 69 7.89 5.90 16.15
CA THR A 69 8.65 4.77 15.61
C THR A 69 9.08 3.76 16.66
N ASP A 70 8.78 4.00 17.94
CA ASP A 70 9.07 3.04 19.00
C ASP A 70 7.79 2.76 19.76
N PHE A 71 7.42 1.49 19.88
CA PHE A 71 6.11 1.13 20.42
C PHE A 71 6.26 0.15 21.58
N THR A 72 5.32 0.24 22.53
CA THR A 72 5.31 -0.61 23.70
C THR A 72 3.96 -1.29 23.85
N PHE A 73 4.00 -2.54 24.34
CA PHE A 73 2.80 -3.35 24.58
C PHE A 73 2.94 -3.98 25.95
N THR A 74 1.86 -3.97 26.74
CA THR A 74 1.95 -4.40 28.12
C THR A 74 0.77 -5.32 28.46
N ILE A 75 1.06 -6.33 29.26
CA ILE A 75 0.03 -7.20 29.84
C ILE A 75 -0.04 -6.90 31.33
N SER A 76 -1.23 -6.53 31.80
CA SER A 76 -1.39 -6.19 33.22
C SER A 76 -1.15 -7.40 34.11
N SER A 77 -1.65 -8.56 33.71
CA SER A 77 -1.42 -9.80 34.44
C SER A 77 -1.57 -10.97 33.48
N LEU A 78 -0.69 -11.96 33.63
CA LEU A 78 -0.64 -13.11 32.73
C LEU A 78 -1.27 -14.30 33.42
N GLN A 79 -2.49 -14.65 33.02
CA GLN A 79 -3.11 -15.87 33.48
C GLN A 79 -2.42 -17.07 32.85
N PRO A 80 -2.41 -18.23 33.52
CA PRO A 80 -1.72 -19.40 32.96
C PRO A 80 -2.26 -19.82 31.61
N GLU A 81 -3.56 -19.62 31.35
CA GLU A 81 -4.15 -20.02 30.08
C GLU A 81 -3.73 -19.13 28.92
N ASP A 82 -3.17 -17.96 29.19
CA ASP A 82 -2.85 -16.99 28.17
C ASP A 82 -1.39 -17.02 27.72
N ILE A 83 -0.63 -18.03 28.16
CA ILE A 83 0.77 -18.13 27.75
C ILE A 83 0.84 -18.38 26.25
N ALA A 84 1.64 -17.59 25.56
CA ALA A 84 1.73 -17.66 24.10
C ALA A 84 2.97 -16.88 23.66
N THR A 85 3.15 -16.78 22.34
CA THR A 85 4.23 -16.01 21.75
C THR A 85 3.64 -14.87 20.94
N TYR A 86 4.28 -13.71 21.00
CA TYR A 86 3.75 -12.50 20.38
C TYR A 86 4.79 -11.90 19.44
N TYR A 87 4.33 -11.47 18.27
CA TYR A 87 5.17 -10.94 17.21
C TYR A 87 4.90 -9.45 17.01
N CYS A 88 5.71 -8.85 16.14
CA CYS A 88 5.53 -7.46 15.72
C CYS A 88 5.45 -7.44 14.19
N GLN A 89 4.67 -6.51 13.65
CA GLN A 89 4.42 -6.53 12.22
C GLN A 89 4.19 -5.13 11.68
N HIS A 90 4.78 -4.86 10.53
CA HIS A 90 4.54 -3.65 9.75
C HIS A 90 3.84 -4.07 8.46
N TYR A 91 2.58 -3.68 8.31
CA TYR A 91 1.77 -4.11 7.18
C TYR A 91 1.86 -3.06 6.07
N ASP A 92 2.20 -3.51 4.87
CA ASP A 92 2.29 -2.70 3.67
C ASP A 92 2.69 -3.63 2.54
N ASP A 93 2.49 -3.16 1.31
CA ASP A 93 3.06 -3.83 0.15
C ASP A 93 3.59 -2.84 -0.88
N LEU A 94 3.76 -1.58 -0.51
CA LEU A 94 4.22 -0.57 -1.44
C LEU A 94 5.67 -0.86 -1.86
N PRO A 95 6.06 -0.42 -3.06
CA PRO A 95 7.42 -0.72 -3.52
C PRO A 95 8.52 -0.16 -2.63
N ASN A 96 8.27 0.93 -1.91
CA ASN A 96 9.31 1.53 -1.09
C ASN A 96 9.73 0.62 0.06
N LEU A 97 8.77 0.11 0.83
CA LEU A 97 9.06 -0.73 1.98
C LEU A 97 8.21 -2.00 1.92
N PRO A 98 8.82 -3.18 1.92
CA PRO A 98 8.05 -4.41 2.01
C PRO A 98 7.74 -4.77 3.46
N PRO A 99 6.72 -5.58 3.71
CA PRO A 99 6.41 -5.95 5.10
C PRO A 99 7.44 -6.89 5.68
N THR A 100 7.60 -6.81 6.99
CA THR A 100 8.57 -7.64 7.72
C THR A 100 7.96 -8.10 9.04
N PHE A 101 8.51 -9.18 9.57
CA PHE A 101 8.12 -9.73 10.86
C PHE A 101 9.27 -9.58 11.85
N GLY A 102 8.92 -9.46 13.12
CA GLY A 102 9.90 -9.30 14.18
C GLY A 102 10.51 -10.61 14.62
N GLY A 103 11.38 -10.52 15.62
CA GLY A 103 12.02 -11.72 16.15
C GLY A 103 11.04 -12.63 16.88
N GLY A 104 10.14 -12.04 17.66
CA GLY A 104 9.18 -12.82 18.42
C GLY A 104 9.63 -13.10 19.84
N THR A 105 8.72 -12.96 20.80
CA THR A 105 9.00 -13.17 22.21
C THR A 105 8.10 -14.25 22.77
N LYS A 106 8.68 -15.14 23.57
CA LYS A 106 7.94 -16.24 24.19
C LYS A 106 7.66 -15.89 25.64
N VAL A 107 6.38 -15.89 26.01
CA VAL A 107 5.99 -15.55 27.37
C VAL A 107 5.48 -16.79 28.08
N VAL B 2 -16.90 -17.89 6.92
CA VAL B 2 -15.77 -17.98 6.01
C VAL B 2 -14.90 -19.19 6.35
N GLN B 3 -14.24 -19.75 5.34
CA GLN B 3 -13.39 -20.91 5.54
C GLN B 3 -12.44 -21.04 4.37
N LEU B 4 -11.24 -21.53 4.65
CA LEU B 4 -10.22 -21.78 3.63
C LEU B 4 -9.75 -23.21 3.70
N VAL B 5 -9.39 -23.75 2.53
CA VAL B 5 -8.94 -25.13 2.40
C VAL B 5 -7.70 -25.16 1.52
N GLU B 6 -6.76 -26.04 1.86
CA GLU B 6 -5.54 -26.21 1.09
C GLU B 6 -5.26 -27.69 0.90
N SER B 7 -4.48 -27.99 -0.14
CA SER B 7 -4.11 -29.37 -0.44
C SER B 7 -2.84 -29.38 -1.26
N GLY B 8 -2.21 -30.54 -1.32
CA GLY B 8 -1.00 -30.71 -2.11
C GLY B 8 0.27 -30.50 -1.31
N GLY B 9 1.34 -31.14 -1.77
CA GLY B 9 2.63 -31.03 -1.12
C GLY B 9 3.17 -32.35 -0.62
N GLY B 10 4.48 -32.55 -0.74
CA GLY B 10 5.08 -33.80 -0.27
C GLY B 10 6.49 -33.98 -0.83
N LEU B 11 6.82 -35.24 -1.09
CA LEU B 11 8.15 -35.59 -1.60
C LEU B 11 8.36 -34.97 -2.98
N VAL B 12 9.59 -34.52 -3.23
CA VAL B 12 9.95 -33.92 -4.50
C VAL B 12 11.48 -33.92 -4.60
N GLN B 13 12.00 -33.88 -5.83
CA GLN B 13 13.43 -33.84 -6.06
C GLN B 13 13.86 -32.44 -6.50
N PRO B 14 15.07 -32.01 -6.15
CA PRO B 14 15.52 -30.69 -6.59
C PRO B 14 15.75 -30.66 -8.09
N GLY B 15 15.52 -29.47 -8.68
CA GLY B 15 15.58 -29.31 -10.12
C GLY B 15 14.30 -29.65 -10.85
N GLY B 16 13.29 -30.15 -10.13
CA GLY B 16 11.99 -30.44 -10.73
C GLY B 16 10.89 -29.65 -10.05
N SER B 17 10.05 -29.00 -10.84
CA SER B 17 9.07 -28.08 -10.31
C SER B 17 8.00 -28.82 -9.49
N LEU B 18 7.21 -28.04 -8.76
CA LEU B 18 6.13 -28.56 -7.93
C LEU B 18 4.98 -27.56 -7.97
N ARG B 19 3.77 -28.05 -7.72
CA ARG B 19 2.57 -27.25 -7.83
C ARG B 19 1.76 -27.34 -6.54
N LEU B 20 1.47 -26.18 -5.94
CA LEU B 20 0.69 -26.08 -4.71
C LEU B 20 -0.69 -25.55 -5.05
N SER B 21 -1.73 -26.29 -4.67
CA SER B 21 -3.11 -25.94 -4.98
C SER B 21 -3.80 -25.49 -3.71
N CYS B 22 -3.79 -24.17 -3.47
CA CYS B 22 -4.56 -23.56 -2.40
C CYS B 22 -5.96 -23.25 -2.93
N ALA B 23 -6.72 -24.33 -3.13
CA ALA B 23 -8.08 -24.24 -3.64
C ALA B 23 -9.01 -23.67 -2.58
N ALA B 24 -9.43 -22.42 -2.75
CA ALA B 24 -10.29 -21.76 -1.78
C ALA B 24 -11.74 -22.12 -2.05
N SER B 25 -12.51 -22.21 -0.96
CA SER B 25 -13.93 -22.51 -1.04
C SER B 25 -14.70 -21.50 -0.18
N GLY B 26 -15.76 -20.95 -0.74
CA GLY B 26 -16.57 -19.98 -0.04
C GLY B 26 -15.99 -18.58 0.00
N LEU B 27 -14.86 -18.33 -0.64
CA LEU B 27 -14.24 -17.01 -0.67
C LEU B 27 -13.97 -16.62 -2.12
N THR B 28 -14.39 -15.40 -2.47
CA THR B 28 -14.25 -14.92 -3.84
C THR B 28 -12.77 -14.61 -4.10
N VAL B 29 -12.08 -15.53 -4.77
CA VAL B 29 -10.67 -15.35 -5.09
C VAL B 29 -10.45 -14.33 -6.19
N SER B 30 -11.49 -13.98 -6.95
CA SER B 30 -11.32 -13.07 -8.08
C SER B 30 -10.87 -11.69 -7.61
N SER B 31 -11.46 -11.17 -6.53
CA SER B 31 -11.14 -9.83 -6.03
C SER B 31 -10.84 -9.91 -4.54
N ASN B 32 -9.59 -10.23 -4.20
CA ASN B 32 -9.11 -10.25 -2.83
C ASN B 32 -7.60 -10.23 -2.84
N TYR B 33 -7.01 -9.66 -1.79
CA TYR B 33 -5.55 -9.54 -1.68
C TYR B 33 -4.98 -10.82 -1.08
N MET B 34 -4.89 -11.84 -1.93
CA MET B 34 -4.29 -13.10 -1.50
C MET B 34 -2.80 -12.90 -1.22
N ASN B 35 -2.31 -13.64 -0.22
CA ASN B 35 -0.94 -13.48 0.26
C ASN B 35 -0.40 -14.85 0.64
N TRP B 36 0.91 -15.03 0.50
CA TRP B 36 1.57 -16.29 0.82
C TRP B 36 2.68 -16.04 1.84
N VAL B 37 2.64 -16.75 2.95
CA VAL B 37 3.68 -16.61 3.97
C VAL B 37 4.10 -18.00 4.44
N ARG B 38 5.39 -18.17 4.72
CA ARG B 38 5.91 -19.47 5.09
C ARG B 38 6.59 -19.41 6.46
N GLN B 39 6.52 -20.52 7.18
CA GLN B 39 7.01 -20.61 8.56
C GLN B 39 8.11 -21.66 8.63
N ALA B 40 9.36 -21.21 8.68
CA ALA B 40 10.49 -22.12 8.78
C ALA B 40 10.48 -22.84 10.14
N PRO B 41 11.08 -24.03 10.22
CA PRO B 41 11.07 -24.77 11.49
C PRO B 41 11.92 -24.13 12.57
N GLY B 42 11.27 -23.65 13.64
CA GLY B 42 11.99 -23.02 14.73
C GLY B 42 12.58 -21.67 14.42
N LYS B 43 12.16 -21.03 13.33
CA LYS B 43 12.64 -19.72 12.94
C LYS B 43 11.46 -18.75 12.84
N GLY B 44 11.78 -17.51 12.45
CA GLY B 44 10.74 -16.51 12.30
C GLY B 44 9.98 -16.64 11.00
N LEU B 45 8.80 -16.02 10.97
CA LEU B 45 7.96 -16.04 9.79
C LEU B 45 8.58 -15.19 8.68
N GLU B 46 8.13 -15.43 7.45
CA GLU B 46 8.60 -14.69 6.29
C GLU B 46 7.40 -14.34 5.41
N TRP B 47 7.65 -13.47 4.44
CA TRP B 47 6.67 -13.08 3.45
C TRP B 47 7.17 -13.45 2.07
N VAL B 48 6.27 -13.88 1.19
CA VAL B 48 6.67 -14.43 -0.10
C VAL B 48 6.10 -13.59 -1.25
N SER B 49 4.78 -13.53 -1.37
CA SER B 49 4.18 -12.83 -2.50
C SER B 49 2.74 -12.45 -2.16
N VAL B 50 2.21 -11.51 -2.93
CA VAL B 50 0.86 -10.99 -2.74
C VAL B 50 0.27 -10.68 -4.10
N ILE B 51 -1.05 -10.62 -4.17
CA ILE B 51 -1.75 -10.31 -5.43
C ILE B 51 -2.82 -9.26 -5.15
N TYR B 52 -2.99 -8.36 -6.10
CA TYR B 52 -4.05 -7.35 -6.06
C TYR B 52 -5.29 -7.85 -6.76
N PRO B 53 -6.43 -7.16 -6.59
CA PRO B 53 -7.61 -7.52 -7.41
C PRO B 53 -7.35 -7.46 -8.90
N GLY B 54 -6.53 -6.51 -9.36
CA GLY B 54 -6.04 -6.54 -10.73
C GLY B 54 -4.76 -7.33 -10.84
N GLY B 55 -4.40 -7.65 -12.09
CA GLY B 55 -3.17 -8.39 -12.33
C GLY B 55 -1.94 -7.65 -11.86
N THR B 56 -1.37 -8.08 -10.74
CA THR B 56 -0.20 -7.43 -10.15
C THR B 56 0.49 -8.42 -9.22
N THR B 57 1.82 -8.47 -9.31
CA THR B 57 2.61 -9.38 -8.49
C THR B 57 3.83 -8.64 -7.95
N TYR B 58 4.02 -8.72 -6.63
CA TYR B 58 5.21 -8.22 -5.96
C TYR B 58 5.88 -9.36 -5.22
N TYR B 59 7.20 -9.42 -5.31
CA TYR B 59 7.96 -10.57 -4.81
C TYR B 59 8.96 -10.13 -3.74
N ALA B 60 9.26 -11.05 -2.84
CA ALA B 60 10.24 -10.81 -1.79
C ALA B 60 11.66 -10.83 -2.37
N ASP B 61 12.64 -10.56 -1.51
CA ASP B 61 14.02 -10.47 -1.97
C ASP B 61 14.59 -11.84 -2.29
N SER B 62 14.34 -12.84 -1.43
CA SER B 62 15.00 -14.13 -1.57
C SER B 62 14.49 -14.88 -2.80
N VAL B 63 13.18 -14.90 -3.02
CA VAL B 63 12.60 -15.61 -4.15
C VAL B 63 12.61 -14.71 -5.38
N LYS B 64 13.70 -14.73 -6.13
CA LYS B 64 13.93 -13.80 -7.23
C LYS B 64 13.47 -14.43 -8.54
N GLY B 65 12.34 -13.98 -9.05
CA GLY B 65 11.88 -14.39 -10.38
C GLY B 65 11.70 -15.88 -10.56
N ARG B 66 11.39 -16.60 -9.48
CA ARG B 66 11.31 -18.04 -9.53
C ARG B 66 9.97 -18.60 -9.05
N PHE B 67 9.16 -17.80 -8.38
CA PHE B 67 7.84 -18.20 -7.92
C PHE B 67 6.79 -17.61 -8.85
N THR B 68 5.67 -18.32 -8.99
CA THR B 68 4.53 -17.82 -9.74
C THR B 68 3.24 -18.11 -8.98
N ILE B 69 2.36 -17.11 -8.95
CA ILE B 69 1.06 -17.21 -8.29
C ILE B 69 -0.03 -17.03 -9.33
N SER B 70 -1.02 -17.92 -9.31
CA SER B 70 -2.11 -17.90 -10.27
C SER B 70 -3.42 -17.68 -9.54
N ARG B 71 -4.23 -16.74 -10.03
CA ARG B 71 -5.52 -16.44 -9.44
C ARG B 71 -6.58 -17.42 -9.92
N ASN B 76 -11.79 -19.47 -8.90
CA ASN B 76 -12.28 -19.64 -7.53
C ASN B 76 -11.26 -20.41 -6.71
N THR B 77 -10.01 -20.43 -7.20
CA THR B 77 -8.93 -21.15 -6.55
C THR B 77 -7.66 -20.31 -6.59
N LEU B 78 -6.68 -20.71 -5.78
CA LEU B 78 -5.39 -20.04 -5.72
C LEU B 78 -4.31 -21.08 -6.00
N TYR B 79 -3.40 -20.77 -6.92
CA TYR B 79 -2.34 -21.70 -7.28
C TYR B 79 -0.97 -21.07 -7.07
N LEU B 80 0.01 -21.92 -6.75
CA LEU B 80 1.41 -21.55 -6.61
C LEU B 80 2.25 -22.56 -7.36
N GLU B 81 3.32 -22.10 -7.99
CA GLU B 81 4.17 -23.03 -8.74
C GLU B 81 5.63 -22.82 -8.36
N MET B 82 6.43 -23.86 -8.65
CA MET B 82 7.84 -23.92 -8.34
C MET B 82 8.65 -23.91 -9.62
N ASN B 83 9.94 -23.62 -9.47
CA ASN B 83 10.86 -23.60 -10.61
C ASN B 83 12.26 -23.83 -10.06
N SER B 84 12.87 -24.96 -10.39
CA SER B 84 14.21 -25.31 -9.94
C SER B 84 14.35 -25.11 -8.43
N LEU B 85 13.60 -25.92 -7.68
CA LEU B 85 13.49 -25.74 -6.24
C LEU B 85 14.86 -25.90 -5.58
N ARG B 86 15.28 -24.86 -4.86
CA ARG B 86 16.60 -24.83 -4.24
C ARG B 86 16.64 -25.72 -3.00
N PRO B 87 17.83 -26.14 -2.58
CA PRO B 87 17.93 -26.90 -1.33
C PRO B 87 17.42 -26.13 -0.12
N GLU B 88 17.57 -24.82 -0.09
CA GLU B 88 17.11 -24.00 1.04
C GLU B 88 15.65 -23.59 0.83
N ASP B 89 14.77 -24.58 0.95
CA ASP B 89 13.34 -24.35 0.87
C ASP B 89 12.62 -25.55 1.44
N THR B 90 11.78 -25.33 2.43
CA THR B 90 11.07 -26.39 3.15
C THR B 90 9.96 -25.76 3.97
N ALA B 91 9.38 -26.53 4.88
CA ALA B 91 8.52 -26.06 5.96
C ALA B 91 7.12 -25.68 5.50
N VAL B 92 6.29 -25.23 6.43
CA VAL B 92 4.86 -25.02 6.18
C VAL B 92 4.62 -23.72 5.43
N TYR B 93 3.60 -23.73 4.57
CA TYR B 93 3.15 -22.55 3.84
C TYR B 93 1.72 -22.21 4.25
N TYR B 94 1.38 -20.92 4.17
CA TYR B 94 0.12 -20.39 4.64
C TYR B 94 -0.47 -19.44 3.60
N CYS B 95 -1.75 -19.66 3.27
CA CYS B 95 -2.53 -18.74 2.45
C CYS B 95 -3.22 -17.74 3.36
N ALA B 96 -3.01 -16.46 3.10
CA ALA B 96 -3.48 -15.40 3.98
C ALA B 96 -4.33 -14.40 3.20
N ARG B 97 -5.28 -13.80 3.90
CA ARG B 97 -6.09 -12.70 3.39
C ARG B 97 -5.96 -11.59 4.40
N PRO B 98 -4.86 -10.84 4.34
CA PRO B 98 -4.52 -9.92 5.43
C PRO B 98 -5.49 -8.74 5.52
N ILE B 99 -5.49 -8.11 6.69
CA ILE B 99 -6.41 -7.02 6.96
C ILE B 99 -6.01 -5.80 6.14
N TYR B 100 -6.99 -5.20 5.46
CA TYR B 100 -6.80 -3.97 4.72
C TYR B 100 -7.97 -3.05 5.05
N GLY B 101 -7.67 -1.81 5.40
CA GLY B 101 -8.69 -0.90 5.86
C GLY B 101 -8.91 -0.97 7.35
N GLY B 102 -9.99 -0.34 7.79
CA GLY B 102 -10.26 -0.23 9.21
C GLY B 102 -11.25 -1.23 9.78
N ASN B 103 -11.90 -2.01 8.92
CA ASN B 103 -12.88 -2.96 9.39
C ASN B 103 -12.20 -4.16 10.07
N ALA B 104 -12.96 -4.82 10.93
CA ALA B 104 -12.46 -5.94 11.74
C ALA B 104 -13.07 -7.25 11.28
N GLY B 105 -12.26 -8.31 11.31
CA GLY B 105 -12.68 -9.61 10.86
C GLY B 105 -12.06 -10.08 9.56
N MET B 106 -11.08 -9.34 9.03
CA MET B 106 -10.51 -9.68 7.73
C MET B 106 -9.72 -10.98 7.78
N ASP B 107 -8.89 -11.14 8.81
CA ASP B 107 -7.81 -12.12 8.78
C ASP B 107 -8.36 -13.54 8.86
N VAL B 108 -8.03 -14.35 7.85
CA VAL B 108 -8.30 -15.78 7.84
C VAL B 108 -7.06 -16.49 7.31
N TRP B 109 -6.75 -17.64 7.90
CA TRP B 109 -5.50 -18.33 7.60
C TRP B 109 -5.75 -19.81 7.38
N GLY B 110 -4.87 -20.45 6.61
CA GLY B 110 -4.97 -21.87 6.35
C GLY B 110 -4.40 -22.71 7.49
N GLN B 111 -4.57 -24.03 7.35
CA GLN B 111 -4.11 -24.95 8.38
C GLN B 111 -2.62 -25.22 8.26
N GLY B 112 -2.19 -25.80 7.14
CA GLY B 112 -0.78 -26.08 6.96
C GLY B 112 -0.55 -27.01 5.79
N THR B 113 0.72 -27.27 5.53
CA THR B 113 1.17 -28.16 4.47
C THR B 113 2.56 -28.67 4.83
N THR B 114 3.20 -29.38 3.89
CA THR B 114 4.53 -29.93 4.14
C THR B 114 5.23 -30.10 2.80
N VAL B 115 6.57 -30.03 2.82
CA VAL B 115 7.38 -30.23 1.64
C VAL B 115 8.76 -30.70 2.09
N THR B 116 9.38 -31.56 1.29
CA THR B 116 10.66 -32.15 1.65
C THR B 116 11.35 -32.62 0.37
N VAL B 117 12.67 -32.48 0.34
CA VAL B 117 13.47 -32.92 -0.81
C VAL B 117 14.24 -34.20 -0.46
N SER B 118 13.66 -35.35 -0.81
CA SER B 118 14.24 -36.65 -0.50
C SER B 118 14.53 -37.40 -1.80
N SER B 119 14.94 -38.65 -1.65
CA SER B 119 15.25 -39.50 -2.80
C SER B 119 15.12 -40.97 -2.44
N THR C 320 -0.93 40.85 -24.17
CA THR C 320 -1.78 41.28 -23.07
C THR C 320 -2.41 40.05 -22.40
N ASN C 321 -2.70 39.03 -23.20
CA ASN C 321 -3.38 37.83 -22.74
C ASN C 321 -2.36 36.74 -22.46
N LEU C 322 -2.09 36.49 -21.19
CA LEU C 322 -1.19 35.43 -20.75
C LEU C 322 -2.01 34.34 -20.06
N CYS C 323 -1.54 33.10 -20.16
CA CYS C 323 -2.22 32.01 -19.50
C CYS C 323 -2.29 32.28 -18.00
N PRO C 324 -3.40 31.97 -17.35
CA PRO C 324 -3.51 32.17 -15.89
C PRO C 324 -2.81 31.07 -15.10
N PHE C 325 -1.49 30.97 -15.28
CA PHE C 325 -0.71 30.00 -14.50
C PHE C 325 -0.76 30.33 -13.02
N ASP C 326 -0.92 31.61 -12.66
CA ASP C 326 -1.02 31.98 -11.26
C ASP C 326 -2.26 31.38 -10.61
N GLU C 327 -3.36 31.28 -11.37
CA GLU C 327 -4.58 30.69 -10.83
C GLU C 327 -4.38 29.23 -10.48
N VAL C 328 -3.69 28.48 -11.36
CA VAL C 328 -3.45 27.07 -11.08
C VAL C 328 -2.44 26.90 -9.95
N PHE C 329 -1.35 27.67 -9.98
CA PHE C 329 -0.29 27.49 -8.99
C PHE C 329 -0.67 28.04 -7.62
N ASN C 330 -1.48 29.09 -7.56
CA ASN C 330 -1.87 29.73 -6.30
C ASN C 330 -3.37 29.54 -6.11
N ALA C 331 -3.76 28.44 -5.48
CA ALA C 331 -5.15 28.17 -5.14
C ALA C 331 -5.20 27.62 -3.73
N THR C 332 -6.05 28.21 -2.89
CA THR C 332 -6.11 27.81 -1.49
C THR C 332 -6.55 26.36 -1.34
N ARG C 333 -7.56 25.94 -2.09
CA ARG C 333 -8.10 24.59 -2.01
C ARG C 333 -7.69 23.78 -3.24
N PHE C 334 -7.17 22.58 -3.01
CA PHE C 334 -6.78 21.67 -4.06
C PHE C 334 -7.69 20.44 -4.05
N ALA C 335 -7.95 19.91 -5.24
CA ALA C 335 -8.86 18.78 -5.38
C ALA C 335 -8.22 17.50 -4.85
N SER C 336 -9.06 16.57 -4.40
CA SER C 336 -8.59 15.29 -3.92
C SER C 336 -8.11 14.43 -5.08
N VAL C 337 -7.49 13.30 -4.74
CA VAL C 337 -6.82 12.49 -5.76
C VAL C 337 -7.84 11.81 -6.67
N TYR C 338 -8.95 11.32 -6.11
CA TYR C 338 -9.89 10.56 -6.93
C TYR C 338 -10.75 11.44 -7.83
N ALA C 339 -10.80 12.74 -7.56
CA ALA C 339 -11.54 13.70 -8.40
C ALA C 339 -10.58 14.84 -8.70
N TRP C 340 -9.78 14.69 -9.75
CA TRP C 340 -8.79 15.68 -10.11
C TRP C 340 -9.34 16.60 -11.19
N ASN C 341 -8.85 17.84 -11.19
CA ASN C 341 -9.29 18.85 -12.14
C ASN C 341 -8.49 18.75 -13.44
N ARG C 342 -9.17 19.05 -14.55
CA ARG C 342 -8.52 19.21 -15.84
C ARG C 342 -8.93 20.55 -16.43
N LYS C 343 -7.95 21.30 -16.93
CA LYS C 343 -8.23 22.62 -17.47
C LYS C 343 -7.60 22.77 -18.84
N ARG C 344 -8.42 23.06 -19.84
CA ARG C 344 -7.93 23.33 -21.19
C ARG C 344 -7.28 24.71 -21.26
N ILE C 345 -6.23 24.82 -22.07
CA ILE C 345 -5.56 26.09 -22.31
C ILE C 345 -5.40 26.28 -23.81
N SER C 346 -5.91 27.41 -24.30
CA SER C 346 -5.86 27.75 -25.72
C SER C 346 -5.69 29.25 -25.86
N ASN C 347 -5.15 29.66 -27.01
CA ASN C 347 -4.99 31.08 -27.36
C ASN C 347 -4.19 31.83 -26.28
N CYS C 348 -2.92 31.44 -26.15
CA CYS C 348 -2.00 32.06 -25.23
C CYS C 348 -0.69 32.43 -25.92
N VAL C 349 -0.01 33.41 -25.31
CA VAL C 349 1.44 33.50 -25.31
C VAL C 349 1.87 33.44 -23.85
N ALA C 350 2.61 32.40 -23.49
CA ALA C 350 2.83 32.06 -22.09
C ALA C 350 4.31 31.84 -21.82
N ASP C 351 4.79 32.40 -20.71
CA ASP C 351 6.17 32.21 -20.27
C ASP C 351 6.31 30.81 -19.68
N TYR C 352 6.86 29.89 -20.47
CA TYR C 352 7.13 28.56 -19.94
C TYR C 352 8.40 28.52 -19.12
N SER C 353 9.25 29.54 -19.21
CA SER C 353 10.50 29.61 -18.44
C SER C 353 10.33 30.30 -17.10
N VAL C 354 9.14 30.83 -16.80
CA VAL C 354 8.96 31.55 -15.54
C VAL C 354 8.88 30.59 -14.35
N LEU C 355 8.63 29.30 -14.60
CA LEU C 355 8.40 28.36 -13.52
C LEU C 355 9.63 28.22 -12.63
N TYR C 356 10.80 28.03 -13.23
CA TYR C 356 11.98 27.65 -12.47
C TYR C 356 12.37 28.75 -11.48
N ASN C 357 12.22 30.01 -11.87
CA ASN C 357 12.47 31.13 -10.98
C ASN C 357 11.21 31.66 -10.31
N LEU C 358 10.06 31.03 -10.54
CA LEU C 358 8.82 31.49 -9.91
C LEU C 358 8.88 31.34 -8.40
N ALA C 359 9.21 30.13 -7.94
CA ALA C 359 9.29 29.83 -6.51
C ALA C 359 10.16 28.60 -6.35
N PRO C 360 10.79 28.42 -5.18
CA PRO C 360 11.58 27.20 -4.95
C PRO C 360 10.73 25.96 -5.13
N PHE C 361 11.08 25.17 -6.15
CA PHE C 361 10.39 23.93 -6.46
C PHE C 361 11.32 22.76 -6.18
N PHE C 362 10.85 21.81 -5.38
CA PHE C 362 11.72 20.72 -4.96
C PHE C 362 11.99 19.74 -6.10
N THR C 363 11.03 19.55 -7.00
CA THR C 363 11.16 18.58 -8.08
C THR C 363 10.73 19.22 -9.39
N PHE C 364 11.42 18.87 -10.47
CA PHE C 364 11.09 19.35 -11.81
C PHE C 364 11.61 18.31 -12.80
N LYS C 365 10.69 17.50 -13.34
CA LYS C 365 11.06 16.43 -14.24
C LYS C 365 10.06 16.36 -15.39
N CYS C 366 10.58 16.26 -16.62
CA CYS C 366 9.76 16.25 -17.81
C CYS C 366 10.29 15.20 -18.78
N TYR C 367 9.48 14.89 -19.80
CA TYR C 367 9.77 13.82 -20.73
C TYR C 367 9.72 14.34 -22.16
N GLY C 368 10.42 13.62 -23.04
CA GLY C 368 10.36 13.88 -24.46
C GLY C 368 11.18 15.05 -24.94
N VAL C 369 10.90 16.24 -24.42
CA VAL C 369 11.49 17.48 -24.90
C VAL C 369 12.31 18.11 -23.78
N SER C 370 13.51 18.57 -24.13
CA SER C 370 14.38 19.22 -23.15
C SER C 370 13.82 20.58 -22.77
N PRO C 371 14.18 21.10 -21.59
CA PRO C 371 13.62 22.37 -21.13
C PRO C 371 13.76 23.52 -22.11
N THR C 372 14.83 23.55 -22.90
CA THR C 372 15.09 24.72 -23.74
C THR C 372 14.13 24.80 -24.93
N LYS C 373 13.59 23.68 -25.38
CA LYS C 373 12.80 23.66 -26.60
C LYS C 373 11.31 23.90 -26.37
N LEU C 374 10.88 24.17 -25.14
CA LEU C 374 9.46 24.43 -24.90
C LEU C 374 9.01 25.74 -25.52
N ASN C 375 9.75 26.83 -25.29
CA ASN C 375 9.35 28.12 -25.82
C ASN C 375 9.58 28.25 -27.32
N ASP C 376 10.35 27.34 -27.93
CA ASP C 376 10.61 27.37 -29.36
C ASP C 376 9.56 26.59 -30.15
N LEU C 377 9.38 25.31 -29.84
CA LEU C 377 8.32 24.54 -30.47
C LEU C 377 6.97 25.09 -30.06
N CYS C 378 6.01 25.04 -30.98
CA CYS C 378 4.77 25.79 -30.85
C CYS C 378 3.58 24.84 -30.94
N PHE C 379 2.69 24.90 -29.95
CA PHE C 379 1.63 23.93 -29.75
C PHE C 379 0.26 24.58 -29.89
N THR C 380 -0.76 23.74 -30.04
CA THR C 380 -2.14 24.24 -30.12
C THR C 380 -2.77 24.36 -28.74
N ASN C 381 -2.96 23.25 -28.05
CA ASN C 381 -3.70 23.20 -26.79
C ASN C 381 -2.81 22.66 -25.67
N VAL C 382 -3.15 23.01 -24.43
CA VAL C 382 -2.43 22.54 -23.26
C VAL C 382 -3.41 21.98 -22.25
N TYR C 383 -3.07 20.85 -21.66
CA TYR C 383 -3.86 20.26 -20.58
C TYR C 383 -3.11 20.38 -19.26
N ALA C 384 -3.83 20.74 -18.21
CA ALA C 384 -3.25 20.89 -16.88
C ALA C 384 -4.11 20.19 -15.85
N ASP C 385 -3.47 19.44 -14.96
CA ASP C 385 -4.11 18.74 -13.86
C ASP C 385 -3.36 19.04 -12.57
N SER C 386 -4.02 18.85 -11.43
CA SER C 386 -3.40 19.13 -10.14
C SER C 386 -4.12 18.37 -9.04
N PHE C 387 -3.36 17.86 -8.07
CA PHE C 387 -3.93 17.18 -6.91
C PHE C 387 -2.88 17.15 -5.80
N VAL C 388 -3.22 16.49 -4.69
CA VAL C 388 -2.37 16.43 -3.50
C VAL C 388 -2.14 14.97 -3.12
N ILE C 389 -0.86 14.61 -2.93
CA ILE C 389 -0.48 13.25 -2.54
C ILE C 389 0.60 13.33 -1.46
N ARG C 390 0.79 12.22 -0.75
CA ARG C 390 1.81 12.22 0.29
C ARG C 390 3.20 12.12 -0.35
N GLY C 391 4.23 12.18 0.50
CA GLY C 391 5.58 12.39 -0.01
C GLY C 391 6.12 11.23 -0.83
N ASP C 392 5.98 10.02 -0.32
CA ASP C 392 6.71 8.89 -0.90
C ASP C 392 6.16 8.48 -2.26
N GLU C 393 4.88 8.75 -2.53
CA GLU C 393 4.24 8.26 -3.74
C GLU C 393 4.38 9.24 -4.91
N VAL C 394 5.39 10.11 -4.89
CA VAL C 394 5.66 10.95 -6.06
C VAL C 394 6.20 10.09 -7.20
N ARG C 395 7.02 9.09 -6.88
CA ARG C 395 7.66 8.27 -7.90
C ARG C 395 6.66 7.44 -8.70
N GLN C 396 5.46 7.22 -8.17
CA GLN C 396 4.47 6.40 -8.88
C GLN C 396 3.88 7.12 -10.08
N ILE C 397 4.02 8.44 -10.17
CA ILE C 397 3.47 9.21 -11.28
C ILE C 397 4.56 9.27 -12.36
N ALA C 398 4.61 8.22 -13.18
CA ALA C 398 5.57 8.11 -14.27
C ALA C 398 5.19 6.94 -15.17
N PRO C 399 5.48 7.01 -16.47
CA PRO C 399 5.19 5.89 -17.37
C PRO C 399 5.99 4.65 -16.97
N GLY C 400 5.36 3.48 -17.14
CA GLY C 400 6.02 2.22 -16.85
C GLY C 400 6.07 1.82 -15.40
N GLN C 401 5.29 2.47 -14.54
CA GLN C 401 5.28 2.16 -13.12
C GLN C 401 3.88 1.72 -12.70
N THR C 402 3.84 0.84 -11.69
CA THR C 402 2.58 0.28 -11.20
C THR C 402 2.53 0.41 -9.68
N GLY C 403 1.32 0.33 -9.15
CA GLY C 403 1.12 0.47 -7.72
C GLY C 403 -0.36 0.63 -7.42
N ASN C 404 -0.63 1.29 -6.28
CA ASN C 404 -2.02 1.51 -5.88
C ASN C 404 -2.62 2.71 -6.60
N ILE C 405 -1.96 3.86 -6.53
CA ILE C 405 -2.45 5.05 -7.23
C ILE C 405 -2.40 4.85 -8.74
N ALA C 406 -1.31 4.26 -9.24
CA ALA C 406 -1.14 4.11 -10.68
C ALA C 406 -2.18 3.19 -11.30
N ASP C 407 -2.91 2.42 -10.49
CA ASP C 407 -3.85 1.43 -11.00
C ASP C 407 -5.31 1.79 -10.78
N TYR C 408 -5.64 2.50 -9.69
CA TYR C 408 -7.03 2.81 -9.39
C TYR C 408 -7.34 4.28 -9.21
N ASN C 409 -6.35 5.17 -9.20
CA ASN C 409 -6.58 6.58 -8.93
C ASN C 409 -6.24 7.48 -10.10
N TYR C 410 -5.04 7.36 -10.65
CA TYR C 410 -4.62 8.19 -11.77
C TYR C 410 -3.69 7.37 -12.65
N LYS C 411 -4.16 6.99 -13.83
CA LYS C 411 -3.39 6.16 -14.75
C LYS C 411 -2.71 7.03 -15.79
N LEU C 412 -1.43 6.79 -16.02
CA LEU C 412 -0.65 7.55 -16.98
C LEU C 412 -0.37 6.71 -18.21
N PRO C 413 -0.65 7.22 -19.42
CA PRO C 413 -0.51 6.38 -20.61
C PRO C 413 0.93 5.98 -20.91
N ASP C 414 1.11 5.10 -21.89
CA ASP C 414 2.45 4.66 -22.27
C ASP C 414 3.27 5.83 -22.81
N ASP C 415 2.71 6.59 -23.73
CA ASP C 415 3.37 7.78 -24.25
C ASP C 415 2.91 9.03 -23.50
N PHE C 416 3.84 9.98 -23.35
CA PHE C 416 3.54 11.19 -22.60
C PHE C 416 4.59 12.24 -22.99
N THR C 417 4.12 13.46 -23.25
CA THR C 417 5.01 14.55 -23.61
C THR C 417 4.95 15.72 -22.62
N GLY C 418 4.33 15.51 -21.46
CA GLY C 418 4.19 16.57 -20.48
C GLY C 418 5.22 16.49 -19.37
N CYS C 419 5.07 17.39 -18.40
CA CYS C 419 6.00 17.53 -17.29
C CYS C 419 5.25 17.35 -15.97
N VAL C 420 5.99 17.05 -14.91
CA VAL C 420 5.42 16.86 -13.58
C VAL C 420 6.18 17.76 -12.61
N ILE C 421 5.44 18.54 -11.82
CA ILE C 421 6.04 19.42 -10.81
C ILE C 421 5.39 19.13 -9.47
N ALA C 422 6.20 18.82 -8.47
CA ALA C 422 5.69 18.47 -7.14
C ALA C 422 6.44 19.29 -6.10
N TRP C 423 5.70 20.01 -5.26
CA TRP C 423 6.31 20.83 -4.22
C TRP C 423 5.61 20.63 -2.88
N ASN C 424 6.38 20.75 -1.81
CA ASN C 424 5.88 20.57 -0.46
C ASN C 424 4.94 21.71 -0.07
N SER C 425 3.90 21.38 0.68
CA SER C 425 2.94 22.35 1.20
C SER C 425 2.56 21.99 2.64
N ASN C 426 3.56 21.63 3.45
CA ASN C 426 3.30 21.13 4.79
C ASN C 426 2.66 22.18 5.69
N LYS C 427 3.12 23.43 5.60
CA LYS C 427 2.69 24.44 6.56
C LYS C 427 1.26 24.89 6.31
N LEU C 428 0.86 25.03 5.04
CA LEU C 428 -0.41 25.68 4.72
C LEU C 428 -1.60 24.88 5.23
N ASP C 429 -1.63 23.57 4.95
CA ASP C 429 -2.85 22.81 5.17
C ASP C 429 -2.91 22.14 6.54
N SER C 430 -1.85 21.44 6.95
CA SER C 430 -1.90 20.60 8.14
C SER C 430 -1.90 21.48 9.38
N LYS C 431 -3.06 21.61 10.02
CA LYS C 431 -3.20 22.34 11.27
C LYS C 431 -2.98 21.38 12.44
N VAL C 432 -3.28 21.85 13.66
CA VAL C 432 -3.08 21.01 14.84
C VAL C 432 -4.06 19.84 14.85
N SER C 433 -5.33 20.12 14.57
CA SER C 433 -6.34 19.05 14.60
C SER C 433 -6.13 18.06 13.47
N GLY C 434 -5.77 18.54 12.29
CA GLY C 434 -5.52 17.68 11.15
C GLY C 434 -6.48 17.97 10.00
N ASN C 435 -6.16 17.37 8.86
CA ASN C 435 -6.94 17.50 7.64
C ASN C 435 -7.51 16.13 7.29
N TYR C 436 -8.82 15.95 7.51
CA TYR C 436 -9.53 14.74 7.12
C TYR C 436 -10.35 14.95 5.86
N ASN C 437 -10.16 16.07 5.17
CA ASN C 437 -10.94 16.35 3.97
C ASN C 437 -10.49 15.49 2.80
N TYR C 438 -9.17 15.31 2.65
CA TYR C 438 -8.64 14.57 1.52
C TYR C 438 -8.99 13.09 1.62
N LEU C 439 -9.14 12.46 0.47
CA LEU C 439 -9.60 11.08 0.39
C LEU C 439 -8.77 10.34 -0.66
N TYR C 440 -8.93 9.01 -0.69
CA TYR C 440 -8.39 8.22 -1.79
C TYR C 440 -9.14 6.90 -1.84
N ARG C 441 -9.07 6.24 -2.99
CA ARG C 441 -9.78 5.00 -3.23
C ARG C 441 -8.83 3.82 -3.11
N LEU C 442 -9.29 2.77 -2.41
CA LEU C 442 -8.46 1.61 -2.12
C LEU C 442 -8.95 0.33 -2.78
N PHE C 443 -10.26 0.14 -2.93
CA PHE C 443 -10.82 -1.08 -3.48
C PHE C 443 -11.46 -0.80 -4.83
N ARG C 444 -11.27 -1.73 -5.77
CA ARG C 444 -11.91 -1.65 -7.08
C ARG C 444 -11.93 -3.05 -7.67
N LYS C 445 -12.74 -3.22 -8.72
CA LYS C 445 -12.91 -4.53 -9.34
C LYS C 445 -11.92 -4.78 -10.47
N SER C 446 -11.48 -3.74 -11.18
CA SER C 446 -10.59 -3.91 -12.32
C SER C 446 -9.71 -2.68 -12.47
N ASN C 447 -8.71 -2.80 -13.34
CA ASN C 447 -7.76 -1.73 -13.56
C ASN C 447 -8.45 -0.50 -14.15
N LEU C 448 -7.70 0.60 -14.20
CA LEU C 448 -8.20 1.88 -14.68
C LEU C 448 -7.74 2.10 -16.11
N LYS C 449 -8.68 2.42 -17.00
CA LYS C 449 -8.34 2.81 -18.35
C LYS C 449 -7.61 4.16 -18.31
N PRO C 450 -6.72 4.42 -19.28
CA PRO C 450 -6.08 5.74 -19.32
C PRO C 450 -7.09 6.88 -19.47
N PHE C 451 -6.89 7.92 -18.64
CA PHE C 451 -7.54 9.22 -18.80
C PHE C 451 -9.07 9.12 -18.74
N GLU C 452 -9.56 8.75 -17.56
CA GLU C 452 -10.95 9.00 -17.19
C GLU C 452 -11.02 9.40 -15.72
N ARG C 453 -12.18 9.92 -15.34
CA ARG C 453 -12.40 10.53 -14.04
C ARG C 453 -13.68 9.99 -13.41
N ASP C 454 -13.61 9.67 -12.12
CA ASP C 454 -14.74 9.08 -11.41
C ASP C 454 -15.00 9.84 -10.11
N ILE C 455 -16.27 10.00 -9.78
CA ILE C 455 -16.67 10.62 -8.51
C ILE C 455 -17.62 9.75 -7.71
N SER C 456 -18.46 8.94 -8.35
CA SER C 456 -19.48 8.19 -7.63
C SER C 456 -18.86 7.11 -6.76
N THR C 457 -19.42 6.94 -5.57
CA THR C 457 -18.98 5.93 -4.63
C THR C 457 -20.19 5.15 -4.13
N GLU C 458 -20.01 3.85 -3.91
CA GLU C 458 -21.11 2.99 -3.50
C GLU C 458 -20.52 1.72 -2.89
N ILE C 459 -21.40 0.81 -2.46
CA ILE C 459 -20.99 -0.38 -1.75
C ILE C 459 -20.13 -1.29 -2.64
N TYR C 460 -19.16 -1.95 -2.02
CA TYR C 460 -18.25 -2.87 -2.70
C TYR C 460 -18.31 -4.21 -1.99
N GLN C 461 -18.67 -5.25 -2.72
CA GLN C 461 -18.87 -6.58 -2.14
C GLN C 461 -17.68 -7.48 -2.46
N ALA C 462 -17.37 -8.38 -1.52
CA ALA C 462 -16.30 -9.35 -1.70
C ALA C 462 -16.81 -10.79 -1.58
N GLY C 463 -18.13 -11.00 -1.57
CA GLY C 463 -18.68 -12.31 -1.41
C GLY C 463 -19.69 -12.63 -2.50
N ASN C 464 -19.99 -13.92 -2.62
CA ASN C 464 -20.94 -14.37 -3.64
C ASN C 464 -22.35 -13.86 -3.36
N LYS C 465 -22.74 -13.83 -2.09
CA LYS C 465 -24.07 -13.38 -1.73
C LYS C 465 -24.24 -11.91 -2.10
N PRO C 466 -25.35 -11.53 -2.74
CA PRO C 466 -25.55 -10.12 -3.08
C PRO C 466 -25.59 -9.25 -1.84
N CYS C 467 -25.07 -8.03 -1.97
CA CYS C 467 -24.94 -7.13 -0.83
C CYS C 467 -26.30 -6.55 -0.44
N ASN C 468 -26.61 -6.63 0.85
CA ASN C 468 -27.80 -5.99 1.39
C ASN C 468 -27.52 -4.51 1.66
N GLY C 469 -28.53 -3.81 2.21
CA GLY C 469 -28.33 -2.41 2.54
C GLY C 469 -27.25 -2.21 3.59
N VAL C 470 -27.23 -3.05 4.62
CA VAL C 470 -26.23 -2.96 5.65
C VAL C 470 -24.95 -3.63 5.17
N ALA C 471 -23.82 -2.94 5.32
CA ALA C 471 -22.52 -3.46 4.92
C ALA C 471 -21.92 -4.21 6.11
N GLY C 472 -22.16 -5.52 6.17
CA GLY C 472 -21.68 -6.29 7.29
C GLY C 472 -20.98 -7.59 6.94
N PHE C 473 -19.69 -7.65 7.29
CA PHE C 473 -18.87 -8.86 7.25
C PHE C 473 -18.53 -9.29 5.83
N ASN C 474 -19.17 -8.69 4.84
CA ASN C 474 -18.77 -8.93 3.45
C ASN C 474 -18.89 -7.71 2.55
N CYS C 475 -19.25 -6.55 3.07
CA CYS C 475 -19.45 -5.36 2.25
C CYS C 475 -18.72 -4.19 2.90
N TYR C 476 -18.07 -3.39 2.06
CA TYR C 476 -17.05 -2.44 2.52
C TYR C 476 -17.47 -1.02 2.16
N PHE C 477 -16.78 -0.06 2.75
CA PHE C 477 -16.88 1.34 2.32
C PHE C 477 -15.59 1.67 1.57
N PRO C 478 -15.64 1.84 0.25
CA PRO C 478 -14.39 1.88 -0.52
C PRO C 478 -13.48 3.06 -0.22
N LEU C 479 -14.00 4.16 0.31
CA LEU C 479 -13.22 5.39 0.45
C LEU C 479 -12.67 5.54 1.86
N ARG C 480 -11.44 6.03 1.95
CA ARG C 480 -10.80 6.33 3.23
C ARG C 480 -9.93 7.57 3.07
N SER C 481 -9.69 8.24 4.20
CA SER C 481 -9.09 9.57 4.22
C SER C 481 -7.67 9.51 4.76
N TYR C 482 -7.04 10.68 4.82
CA TYR C 482 -5.71 10.87 5.39
C TYR C 482 -5.81 11.55 6.75
N SER C 483 -4.66 11.65 7.41
CA SER C 483 -4.55 12.39 8.66
C SER C 483 -3.16 13.00 8.71
N PHE C 484 -3.09 14.32 8.97
CA PHE C 484 -1.84 15.05 8.95
C PHE C 484 -1.64 15.81 10.26
N ARG C 485 -0.42 15.77 10.76
CA ARG C 485 0.08 16.54 11.89
C ARG C 485 1.40 17.19 11.50
N PRO C 486 1.75 18.32 12.11
CA PRO C 486 3.00 18.99 11.73
C PRO C 486 4.26 18.20 12.07
N THR C 487 4.18 17.20 12.96
CA THR C 487 5.38 16.60 13.54
C THR C 487 5.67 15.18 13.04
N TYR C 488 5.14 14.80 11.88
CA TYR C 488 5.60 13.55 11.28
C TYR C 488 6.97 13.72 10.64
N GLY C 489 7.45 12.64 10.04
CA GLY C 489 8.75 12.62 9.39
C GLY C 489 8.71 13.26 8.01
N VAL C 490 9.86 13.18 7.33
CA VAL C 490 10.00 13.80 6.02
C VAL C 490 9.15 13.08 4.98
N GLY C 491 9.07 11.75 5.06
CA GLY C 491 8.47 10.99 3.98
C GLY C 491 6.97 11.09 3.89
N HIS C 492 6.29 11.36 5.01
CA HIS C 492 4.84 11.36 5.05
C HIS C 492 4.23 12.75 5.05
N GLN C 493 5.02 13.79 4.83
CA GLN C 493 4.49 15.13 4.74
C GLN C 493 3.73 15.31 3.42
N PRO C 494 2.68 16.14 3.41
CA PRO C 494 1.90 16.31 2.19
C PRO C 494 2.67 17.03 1.10
N TYR C 495 2.31 16.76 -0.14
CA TYR C 495 2.90 17.39 -1.31
C TYR C 495 1.80 17.70 -2.31
N ARG C 496 2.05 18.71 -3.14
CA ARG C 496 1.11 19.12 -4.18
C ARG C 496 1.75 18.86 -5.53
N VAL C 497 0.98 18.26 -6.44
CA VAL C 497 1.47 17.81 -7.72
C VAL C 497 0.66 18.46 -8.82
N VAL C 498 1.34 18.98 -9.83
CA VAL C 498 0.73 19.58 -11.02
C VAL C 498 1.35 18.91 -12.24
N VAL C 499 0.50 18.38 -13.11
CA VAL C 499 0.93 17.68 -14.31
C VAL C 499 0.50 18.48 -15.52
N LEU C 500 1.44 18.73 -16.42
CA LEU C 500 1.16 19.38 -17.69
C LEU C 500 1.14 18.33 -18.78
N SER C 501 0.49 18.65 -19.89
CA SER C 501 0.38 17.71 -20.99
C SER C 501 0.31 18.47 -22.31
N PHE C 502 0.58 17.74 -23.40
CA PHE C 502 0.50 18.29 -24.74
C PHE C 502 -0.23 17.30 -25.64
N GLU C 503 -0.67 17.80 -26.78
CA GLU C 503 -1.57 17.05 -27.66
C GLU C 503 -1.16 17.22 -29.12
N LEU C 504 -1.31 16.14 -29.88
CA LEU C 504 -1.01 16.18 -31.31
C LEU C 504 -2.05 17.01 -32.04
N LEU C 505 -1.61 17.71 -33.08
CA LEU C 505 -2.39 18.78 -33.67
C LEU C 505 -2.60 18.56 -35.16
N HIS C 506 -3.76 19.03 -35.63
CA HIS C 506 -3.99 19.25 -37.05
C HIS C 506 -4.62 20.61 -37.36
N ALA C 507 -5.32 21.22 -36.40
CA ALA C 507 -5.76 22.59 -36.53
C ALA C 507 -4.56 23.52 -36.36
N PRO C 508 -4.63 24.74 -36.90
CA PRO C 508 -3.51 25.67 -36.74
C PRO C 508 -3.23 26.00 -35.28
N ALA C 509 -1.94 26.13 -34.96
CA ALA C 509 -1.50 26.27 -33.58
C ALA C 509 -1.91 27.63 -33.01
N THR C 510 -2.01 27.67 -31.67
CA THR C 510 -2.43 28.90 -30.99
C THR C 510 -1.61 29.28 -29.77
N VAL C 511 -0.89 28.35 -29.11
CA VAL C 511 -0.27 28.62 -27.82
C VAL C 511 1.21 28.29 -27.90
N CYS C 512 2.06 29.30 -27.75
CA CYS C 512 3.52 29.11 -27.71
C CYS C 512 4.21 30.43 -27.34
N GLY C 513 5.54 30.37 -27.34
CA GLY C 513 6.37 31.30 -26.61
C GLY C 513 6.37 32.74 -27.07
N PRO C 514 6.70 33.65 -26.17
CA PRO C 514 6.81 35.06 -26.53
C PRO C 514 8.17 35.41 -27.12
N LYS C 515 8.23 36.58 -27.74
CA LYS C 515 9.44 37.03 -28.42
C LYS C 515 9.97 38.33 -27.82
#